data_6YPV
#
_entry.id   6YPV
#
_cell.length_a   37.037
_cell.length_b   39.107
_cell.length_c   40.860
_cell.angle_alpha   78.140
_cell.angle_beta   76.040
_cell.angle_gamma   66.510
#
_symmetry.space_group_name_H-M   'P 1'
#
loop_
_entity.id
_entity.type
_entity.pdbx_description
1 polymer 'Alpha-ketoglutarate-dependent dioxygenase AlkB'
2 non-polymer 'FE (III) ION'
3 non-polymer '2-OXOGLUTARIC ACID'
4 water water
#
_entity_poly.entity_id   1
_entity_poly.type   'polypeptide(L)'
_entity_poly.pdbx_seq_one_letter_code
;MLDLFADAEPWQEPLAAGAVILRRFAFNAAEQLIRDINDVASQSPFRQMVTPGGYTMSVAMTNCGHLGWTTHRQGYLYSP
IDPQTNKPWPAMPQSFHNLCQRAATAAGYPDFQPDACLINRYAPGAKLSLHQDKDEPDLRAPIVSVSLGLPAIFQFGGLK
RNDPLKRLLLEHGDVVVWGGESRLFYHGIQPLKAGFHPLTIDCRYNLTFRQAGKKE
;
_entity_poly.pdbx_strand_id   A
#
loop_
_chem_comp.id
_chem_comp.type
_chem_comp.name
_chem_comp.formula
AKG non-polymer '2-OXOGLUTARIC ACID' 'C5 H6 O5'
FE non-polymer 'FE (III) ION' 'Fe 3'
#
# COMPACT_ATOMS: atom_id res chain seq x y z
N LEU A 15 7.33 7.38 -16.62
CA LEU A 15 6.11 8.18 -16.54
C LEU A 15 6.17 9.17 -15.39
N ALA A 16 6.92 8.83 -14.35
CA ALA A 16 7.05 9.66 -13.16
C ALA A 16 8.51 9.68 -12.71
N ALA A 17 9.04 10.88 -12.48
CA ALA A 17 10.45 11.03 -12.13
C ALA A 17 10.75 10.33 -10.81
N GLY A 18 11.69 9.39 -10.84
CA GLY A 18 12.08 8.66 -9.67
C GLY A 18 11.29 7.40 -9.38
N ALA A 19 10.32 7.06 -10.22
CA ALA A 19 9.50 5.88 -10.03
C ALA A 19 10.02 4.75 -10.91
N VAL A 20 10.00 3.54 -10.37
CA VAL A 20 10.42 2.34 -11.09
C VAL A 20 9.23 1.39 -11.13
N ILE A 21 8.74 1.11 -12.34
CA ILE A 21 7.60 0.21 -12.53
C ILE A 21 8.14 -1.16 -12.93
N LEU A 22 7.83 -2.17 -12.12
CA LEU A 22 8.24 -3.55 -12.35
C LEU A 22 6.97 -4.38 -12.54
N ARG A 23 6.50 -4.47 -13.79
CA ARG A 23 5.25 -5.16 -14.07
C ARG A 23 5.40 -6.66 -13.91
N ARG A 24 4.40 -7.27 -13.28
CA ARG A 24 4.35 -8.71 -13.04
C ARG A 24 5.50 -9.19 -12.15
N PHE A 25 6.14 -8.28 -11.42
CA PHE A 25 7.29 -8.66 -10.62
C PHE A 25 6.93 -9.62 -9.51
N ALA A 26 5.74 -9.50 -8.94
CA ALA A 26 5.29 -10.36 -7.85
C ALA A 26 4.33 -11.45 -8.31
N PHE A 27 4.29 -11.73 -9.62
CA PHE A 27 3.30 -12.67 -10.14
C PHE A 27 3.53 -14.07 -9.60
N ASN A 28 4.78 -14.52 -9.54
CA ASN A 28 5.06 -15.86 -9.06
C ASN A 28 4.89 -15.97 -7.55
N ALA A 29 5.06 -14.88 -6.82
CA ALA A 29 4.93 -14.88 -5.36
C ALA A 29 3.51 -14.63 -4.89
N ALA A 30 2.57 -14.36 -5.81
CA ALA A 30 1.25 -13.88 -5.41
C ALA A 30 0.57 -14.85 -4.46
N GLU A 31 0.57 -16.14 -4.80
CA GLU A 31 -0.20 -17.11 -4.01
C GLU A 31 0.26 -17.12 -2.56
N GLN A 32 1.58 -17.08 -2.33
CA GLN A 32 2.08 -17.05 -0.96
C GLN A 32 1.76 -15.72 -0.28
N LEU A 33 1.82 -14.62 -1.02
CA LEU A 33 1.53 -13.32 -0.44
C LEU A 33 0.08 -13.28 0.06
N ILE A 34 -0.84 -13.90 -0.67
CA ILE A 34 -2.25 -13.85 -0.30
C ILE A 34 -2.50 -14.72 0.92
N ARG A 35 -1.85 -15.89 0.98
N ARG A 35 -1.85 -15.89 0.98
CA ARG A 35 -1.96 -16.73 2.17
CA ARG A 35 -1.96 -16.73 2.17
C ARG A 35 -1.47 -15.96 3.40
C ARG A 35 -1.47 -15.96 3.40
N ASP A 36 -0.37 -15.23 3.26
CA ASP A 36 0.17 -14.48 4.39
C ASP A 36 -0.72 -13.28 4.74
N ILE A 37 -1.33 -12.66 3.73
CA ILE A 37 -2.30 -11.61 4.00
C ILE A 37 -3.39 -12.13 4.91
N ASN A 38 -3.91 -13.32 4.62
CA ASN A 38 -4.98 -13.89 5.42
C ASN A 38 -4.52 -14.16 6.84
N ASP A 39 -3.27 -14.63 7.01
CA ASP A 39 -2.75 -14.88 8.34
C ASP A 39 -2.63 -13.58 9.12
N VAL A 40 -2.09 -12.54 8.49
CA VAL A 40 -1.99 -11.24 9.14
C VAL A 40 -3.38 -10.75 9.54
N ALA A 41 -4.35 -10.88 8.63
CA ALA A 41 -5.70 -10.39 8.90
C ALA A 41 -6.41 -11.18 9.98
N SER A 42 -6.02 -12.44 10.21
CA SER A 42 -6.63 -13.21 11.28
C SER A 42 -6.20 -12.70 12.65
N GLN A 43 -5.09 -11.96 12.72
CA GLN A 43 -4.61 -11.37 13.96
C GLN A 43 -5.02 -9.91 14.09
N SER A 44 -4.70 -9.09 13.08
CA SER A 44 -5.18 -7.72 13.00
C SER A 44 -6.19 -7.64 11.85
N PRO A 45 -7.49 -7.70 12.13
CA PRO A 45 -8.47 -7.77 11.04
C PRO A 45 -8.50 -6.50 10.21
N PHE A 46 -8.97 -6.65 8.98
CA PHE A 46 -9.24 -5.49 8.14
C PHE A 46 -10.31 -4.63 8.79
N ARG A 47 -10.09 -3.32 8.76
CA ARG A 47 -11.07 -2.38 9.28
C ARG A 47 -11.06 -1.13 8.43
N GLN A 48 -12.25 -0.57 8.21
CA GLN A 48 -12.39 0.71 7.52
C GLN A 48 -12.20 1.83 8.54
N MET A 49 -11.11 2.58 8.41
CA MET A 49 -10.79 3.62 9.37
C MET A 49 -11.58 4.88 9.07
N VAL A 50 -11.80 5.69 10.11
CA VAL A 50 -12.50 6.95 10.00
C VAL A 50 -11.47 8.05 9.78
N THR A 51 -11.68 8.88 8.77
CA THR A 51 -10.76 9.97 8.48
C THR A 51 -10.88 11.05 9.54
N PRO A 52 -9.85 11.87 9.71
CA PRO A 52 -9.94 12.98 10.68
C PRO A 52 -11.17 13.85 10.45
N GLY A 53 -11.67 13.85 9.22
CA GLY A 53 -12.86 14.62 8.88
C GLY A 53 -14.18 13.95 9.21
N GLY A 54 -14.15 12.71 9.67
CA GLY A 54 -15.35 12.01 10.06
C GLY A 54 -15.97 11.12 9.02
N TYR A 55 -15.28 10.84 7.92
CA TYR A 55 -15.78 9.98 6.88
C TYR A 55 -15.16 8.59 7.00
N THR A 56 -15.99 7.56 6.83
CA THR A 56 -15.49 6.19 6.83
C THR A 56 -14.90 5.86 5.47
N MET A 57 -13.66 5.40 5.47
CA MET A 57 -13.01 5.02 4.22
C MET A 57 -13.67 3.79 3.62
N SER A 58 -13.81 3.78 2.30
CA SER A 58 -14.33 2.60 1.61
C SER A 58 -13.29 1.50 1.50
N VAL A 59 -12.00 1.85 1.59
CA VAL A 59 -10.93 0.86 1.57
C VAL A 59 -10.75 0.30 2.96
N ALA A 60 -10.58 -1.01 3.05
CA ALA A 60 -10.31 -1.69 4.31
C ALA A 60 -8.81 -1.91 4.46
N MET A 61 -8.31 -1.79 5.69
CA MET A 61 -6.87 -1.74 5.92
C MET A 61 -6.47 -2.59 7.12
N THR A 62 -5.19 -2.93 7.13
CA THR A 62 -4.52 -3.50 8.30
C THR A 62 -3.02 -3.38 8.04
N ASN A 63 -2.22 -3.69 9.05
CA ASN A 63 -0.79 -3.50 8.97
C ASN A 63 -0.05 -4.71 9.53
N CYS A 64 1.25 -4.78 9.20
CA CYS A 64 2.16 -5.74 9.79
C CYS A 64 3.54 -5.11 9.77
N GLY A 65 4.40 -5.58 10.69
CA GLY A 65 5.71 -5.01 10.91
C GLY A 65 5.82 -4.42 12.29
N HIS A 66 6.91 -3.68 12.52
CA HIS A 66 7.11 -3.03 13.80
C HIS A 66 6.08 -1.92 14.02
N LEU A 67 5.72 -1.21 12.96
CA LEU A 67 4.83 -0.07 13.04
C LEU A 67 3.70 -0.22 12.04
N GLY A 68 2.53 0.29 12.42
CA GLY A 68 1.36 0.24 11.56
C GLY A 68 0.70 1.59 11.38
N TRP A 69 0.39 1.94 10.14
CA TRP A 69 -0.27 3.20 9.85
C TRP A 69 -1.73 3.14 10.29
N THR A 70 -2.16 4.13 11.06
CA THR A 70 -3.52 4.12 11.59
C THR A 70 -3.95 5.54 11.94
N THR A 71 -5.25 5.78 11.80
CA THR A 71 -5.85 7.00 12.31
C THR A 71 -6.01 6.90 13.81
N HIS A 72 -5.70 7.99 14.51
CA HIS A 72 -5.70 7.97 15.97
C HIS A 72 -5.72 9.40 16.48
N ARG A 73 -6.57 9.65 17.48
CA ARG A 73 -6.69 10.96 18.10
C ARG A 73 -6.96 12.03 17.04
N GLN A 74 -7.78 11.68 16.05
CA GLN A 74 -8.19 12.62 15.00
C GLN A 74 -6.98 13.04 14.16
N GLY A 75 -6.23 12.06 13.68
CA GLY A 75 -5.07 12.31 12.86
C GLY A 75 -4.42 10.99 12.51
N TYR A 76 -3.43 11.07 11.62
CA TYR A 76 -2.70 9.89 11.18
C TYR A 76 -1.38 9.77 11.95
N LEU A 77 -0.99 8.54 12.21
CA LEU A 77 0.27 8.28 12.92
C LEU A 77 0.65 6.81 12.72
N TYR A 78 1.93 6.54 12.96
CA TYR A 78 2.45 5.19 12.98
C TYR A 78 2.51 4.71 14.42
N SER A 79 1.82 3.63 14.73
CA SER A 79 1.76 3.11 16.09
C SER A 79 2.26 1.68 16.15
N PRO A 80 3.01 1.32 17.21
CA PRO A 80 3.39 -0.10 17.37
C PRO A 80 2.23 -0.99 17.79
N ILE A 81 1.10 -0.43 18.19
CA ILE A 81 -0.02 -1.20 18.72
C ILE A 81 -1.21 -1.04 17.79
N ASP A 82 -1.96 -2.12 17.62
CA ASP A 82 -3.22 -2.07 16.88
C ASP A 82 -4.32 -1.60 17.83
N PRO A 83 -4.93 -0.44 17.60
CA PRO A 83 -5.96 0.06 18.55
C PRO A 83 -7.24 -0.76 18.53
N GLN A 84 -7.42 -1.67 17.58
CA GLN A 84 -8.59 -2.54 17.57
C GLN A 84 -8.37 -3.82 18.37
N THR A 85 -7.12 -4.23 18.56
CA THR A 85 -6.80 -5.41 19.35
C THR A 85 -6.02 -5.10 20.62
N ASN A 86 -5.43 -3.89 20.72
CA ASN A 86 -4.56 -3.54 21.84
C ASN A 86 -3.36 -4.48 21.94
N LYS A 87 -2.94 -5.02 20.81
CA LYS A 87 -1.76 -5.88 20.71
C LYS A 87 -0.88 -5.35 19.60
N PRO A 88 0.38 -5.76 19.54
CA PRO A 88 1.25 -5.33 18.43
C PRO A 88 0.70 -5.85 17.11
N TRP A 89 1.02 -5.12 16.05
CA TRP A 89 0.71 -5.62 14.71
C TRP A 89 1.43 -6.95 14.48
N PRO A 90 0.87 -7.82 13.64
CA PRO A 90 1.57 -9.07 13.33
C PRO A 90 2.95 -8.79 12.74
N ALA A 91 3.86 -9.74 12.92
CA ALA A 91 5.19 -9.60 12.36
C ALA A 91 5.11 -9.64 10.84
N MET A 92 6.06 -8.96 10.20
CA MET A 92 6.10 -8.97 8.74
C MET A 92 6.43 -10.38 8.25
N PRO A 93 5.57 -11.00 7.44
CA PRO A 93 5.89 -12.34 6.93
C PRO A 93 7.19 -12.35 6.13
N GLN A 94 7.73 -13.55 5.95
CA GLN A 94 8.94 -13.71 5.15
C GLN A 94 8.69 -13.33 3.70
N SER A 95 7.59 -13.80 3.12
CA SER A 95 7.29 -13.50 1.73
C SER A 95 7.28 -12.00 1.48
N PHE A 96 6.72 -11.22 2.43
CA PHE A 96 6.72 -9.77 2.30
C PHE A 96 8.15 -9.23 2.28
N HIS A 97 8.93 -9.57 3.31
CA HIS A 97 10.29 -9.05 3.42
C HIS A 97 11.11 -9.41 2.19
N ASN A 98 11.06 -10.68 1.77
CA ASN A 98 11.86 -11.12 0.63
C ASN A 98 11.47 -10.38 -0.64
N LEU A 99 10.15 -10.29 -0.90
CA LEU A 99 9.69 -9.60 -2.10
C LEU A 99 10.14 -8.14 -2.11
N CYS A 100 9.90 -7.43 -1.00
CA CYS A 100 10.26 -6.02 -0.94
C CYS A 100 11.74 -5.81 -1.18
N GLN A 101 12.60 -6.59 -0.51
CA GLN A 101 14.03 -6.43 -0.68
C GLN A 101 14.44 -6.69 -2.12
N ARG A 102 13.87 -7.73 -2.76
CA ARG A 102 14.20 -8.01 -4.15
C ARG A 102 13.81 -6.84 -5.05
N ALA A 103 12.63 -6.26 -4.83
CA ALA A 103 12.19 -5.15 -5.67
C ALA A 103 12.99 -3.88 -5.39
N ALA A 104 13.24 -3.57 -4.13
CA ALA A 104 14.03 -2.38 -3.80
C ALA A 104 15.43 -2.47 -4.38
N THR A 105 16.08 -3.63 -4.25
CA THR A 105 17.42 -3.81 -4.80
C THR A 105 17.41 -3.62 -6.31
N ALA A 106 16.45 -4.24 -7.00
CA ALA A 106 16.38 -4.09 -8.46
C ALA A 106 16.20 -2.64 -8.87
N ALA A 107 15.45 -1.86 -8.09
CA ALA A 107 15.22 -0.45 -8.39
C ALA A 107 16.36 0.45 -7.93
N GLY A 108 17.41 -0.09 -7.31
CA GLY A 108 18.53 0.71 -6.88
C GLY A 108 18.46 1.23 -5.48
N TYR A 109 17.69 0.61 -4.60
CA TYR A 109 17.56 0.99 -3.20
C TYR A 109 17.89 -0.21 -2.32
N PRO A 110 19.15 -0.67 -2.35
CA PRO A 110 19.49 -1.91 -1.62
C PRO A 110 19.50 -1.75 -0.11
N ASP A 111 19.55 -0.52 0.40
CA ASP A 111 19.56 -0.28 1.84
C ASP A 111 18.18 -0.02 2.42
N PHE A 112 17.13 -0.12 1.62
CA PHE A 112 15.78 0.13 2.10
C PHE A 112 15.34 -1.00 3.04
N GLN A 113 15.06 -0.65 4.29
CA GLN A 113 14.69 -1.62 5.32
C GLN A 113 13.32 -1.22 5.88
N PRO A 114 12.24 -1.73 5.29
CA PRO A 114 10.90 -1.33 5.77
C PRO A 114 10.62 -1.87 7.16
N ASP A 115 9.95 -1.05 7.97
CA ASP A 115 9.49 -1.47 9.28
C ASP A 115 7.97 -1.40 9.39
N ALA A 116 7.27 -1.14 8.29
CA ALA A 116 5.82 -1.05 8.28
C ALA A 116 5.29 -1.42 6.91
N CYS A 117 4.22 -2.20 6.90
CA CYS A 117 3.53 -2.55 5.65
C CYS A 117 2.04 -2.34 5.86
N LEU A 118 1.47 -1.39 5.12
CA LEU A 118 0.03 -1.16 5.11
C LEU A 118 -0.60 -2.04 4.03
N ILE A 119 -1.66 -2.74 4.39
CA ILE A 119 -2.34 -3.66 3.49
C ILE A 119 -3.73 -3.10 3.22
N ASN A 120 -3.98 -2.73 1.97
CA ASN A 120 -5.27 -2.20 1.53
C ASN A 120 -6.06 -3.28 0.82
N ARG A 121 -7.35 -3.38 1.12
CA ARG A 121 -8.25 -4.31 0.47
C ARG A 121 -9.36 -3.51 -0.19
N TYR A 122 -9.55 -3.72 -1.50
CA TYR A 122 -10.52 -2.98 -2.29
C TYR A 122 -11.63 -3.94 -2.72
N ALA A 123 -12.83 -3.72 -2.24
CA ALA A 123 -14.02 -4.34 -2.80
C ALA A 123 -14.52 -3.52 -3.97
N PRO A 124 -15.37 -4.09 -4.81
CA PRO A 124 -15.91 -3.32 -5.95
C PRO A 124 -16.51 -2.00 -5.47
N GLY A 125 -16.11 -0.91 -6.11
CA GLY A 125 -16.55 0.41 -5.75
C GLY A 125 -15.65 1.15 -4.80
N ALA A 126 -14.71 0.46 -4.15
CA ALA A 126 -13.80 1.10 -3.23
C ALA A 126 -12.83 2.01 -3.99
N LYS A 127 -12.47 3.12 -3.35
CA LYS A 127 -11.57 4.09 -3.94
C LYS A 127 -10.67 4.69 -2.86
N LEU A 128 -9.56 5.26 -3.29
CA LEU A 128 -8.63 5.95 -2.40
C LEU A 128 -8.42 7.35 -2.98
N SER A 129 -8.93 8.37 -2.30
CA SER A 129 -8.89 9.72 -2.83
CA SER A 129 -8.88 9.72 -2.82
C SER A 129 -7.45 10.23 -2.88
N LEU A 130 -7.25 11.25 -3.72
CA LEU A 130 -5.92 11.83 -3.90
C LEU A 130 -5.32 12.23 -2.56
N HIS A 131 -4.05 11.86 -2.36
CA HIS A 131 -3.37 12.11 -1.10
C HIS A 131 -1.88 12.06 -1.33
N GLN A 132 -1.13 12.54 -0.34
CA GLN A 132 0.30 12.39 -0.28
C GLN A 132 0.67 11.45 0.86
N ASP A 133 1.80 10.77 0.71
CA ASP A 133 2.37 9.93 1.77
C ASP A 133 3.60 10.67 2.30
N LYS A 134 3.37 11.53 3.31
CA LYS A 134 4.44 12.28 3.93
C LYS A 134 4.34 12.23 5.45
N ASP A 135 3.87 11.11 5.99
CA ASP A 135 3.87 10.88 7.42
C ASP A 135 5.14 10.21 7.92
N GLU A 136 6.08 9.89 7.03
CA GLU A 136 7.33 9.22 7.36
C GLU A 136 8.40 10.25 7.70
N PRO A 137 9.28 9.97 8.67
CA PRO A 137 10.26 10.99 9.06
C PRO A 137 11.33 11.24 8.02
N ASP A 138 11.70 10.22 7.24
CA ASP A 138 12.72 10.35 6.20
C ASP A 138 12.04 10.17 4.85
N LEU A 139 11.74 11.29 4.18
CA LEU A 139 11.10 11.27 2.88
C LEU A 139 12.06 10.88 1.75
N ARG A 140 13.35 10.72 2.03
CA ARG A 140 14.27 10.22 1.02
C ARG A 140 14.11 8.73 0.80
N ALA A 141 13.48 8.00 1.74
CA ALA A 141 13.29 6.57 1.58
C ALA A 141 12.11 6.31 0.64
N PRO A 142 12.20 5.29 -0.20
CA PRO A 142 11.10 5.00 -1.14
C PRO A 142 9.94 4.29 -0.46
N ILE A 143 8.84 4.21 -1.19
CA ILE A 143 7.71 3.34 -0.85
C ILE A 143 7.59 2.31 -1.95
N VAL A 144 7.54 1.04 -1.56
CA VAL A 144 7.39 -0.06 -2.51
C VAL A 144 5.93 -0.51 -2.46
N SER A 145 5.29 -0.52 -3.61
CA SER A 145 3.86 -0.82 -3.73
C SER A 145 3.67 -2.11 -4.53
N VAL A 146 2.86 -3.00 -3.99
CA VAL A 146 2.60 -4.31 -4.59
C VAL A 146 1.10 -4.43 -4.82
N SER A 147 0.71 -4.73 -6.06
CA SER A 147 -0.68 -4.87 -6.44
C SER A 147 -1.02 -6.34 -6.67
N LEU A 148 -2.17 -6.76 -6.13
CA LEU A 148 -2.64 -8.13 -6.23
C LEU A 148 -4.14 -8.15 -6.49
N GLY A 149 -4.55 -9.05 -7.40
CA GLY A 149 -5.96 -9.26 -7.66
C GLY A 149 -6.49 -8.46 -8.81
N LEU A 150 -7.66 -7.84 -8.64
CA LEU A 150 -8.32 -7.15 -9.72
C LEU A 150 -7.52 -5.92 -10.16
N PRO A 151 -7.60 -5.56 -11.44
CA PRO A 151 -6.88 -4.37 -11.90
C PRO A 151 -7.50 -3.09 -11.37
N ALA A 152 -6.65 -2.09 -11.18
CA ALA A 152 -7.08 -0.80 -10.67
C ALA A 152 -6.47 0.32 -11.50
N ILE A 153 -7.18 1.44 -11.57
CA ILE A 153 -6.70 2.63 -12.26
C ILE A 153 -6.02 3.51 -11.21
N PHE A 154 -4.71 3.52 -11.24
CA PHE A 154 -3.90 4.36 -10.37
C PHE A 154 -3.72 5.71 -11.03
N GLN A 155 -4.01 6.77 -10.28
CA GLN A 155 -3.85 8.14 -10.78
C GLN A 155 -2.86 8.87 -9.89
N PHE A 156 -2.01 9.69 -10.51
CA PHE A 156 -1.05 10.49 -9.79
C PHE A 156 -0.85 11.81 -10.53
N GLY A 157 -0.54 12.86 -9.77
CA GLY A 157 -0.26 14.15 -10.33
C GLY A 157 1.18 14.57 -10.06
N GLY A 158 1.36 15.58 -9.22
CA GLY A 158 2.67 16.06 -8.87
C GLY A 158 2.77 16.52 -7.44
N LEU A 159 3.66 17.47 -7.18
CA LEU A 159 3.85 17.98 -5.82
C LEU A 159 2.71 18.87 -5.36
N LYS A 160 1.86 19.33 -6.29
CA LYS A 160 0.75 20.21 -5.97
C LYS A 160 -0.59 19.50 -6.14
N ARG A 161 -1.58 19.93 -5.37
N ARG A 161 -1.60 19.96 -5.40
CA ARG A 161 -2.94 19.42 -5.55
CA ARG A 161 -2.94 19.40 -5.53
C ARG A 161 -3.39 19.59 -6.99
C ARG A 161 -3.57 19.72 -6.88
N ASN A 162 -3.07 20.73 -7.59
CA ASN A 162 -3.64 21.15 -8.86
C ASN A 162 -2.87 20.63 -10.07
N ASP A 163 -1.79 19.88 -9.88
CA ASP A 163 -1.05 19.36 -11.01
C ASP A 163 -1.96 18.44 -11.84
N PRO A 164 -1.83 18.45 -13.18
CA PRO A 164 -2.66 17.55 -13.99
C PRO A 164 -2.36 16.09 -13.69
N LEU A 165 -3.40 15.27 -13.73
CA LEU A 165 -3.29 13.88 -13.33
C LEU A 165 -2.90 12.98 -14.50
N LYS A 166 -2.07 12.00 -14.22
CA LYS A 166 -1.79 10.89 -15.14
C LYS A 166 -2.43 9.63 -14.58
N ARG A 167 -2.87 8.76 -15.46
CA ARG A 167 -3.56 7.53 -15.08
C ARG A 167 -2.80 6.32 -15.63
N LEU A 168 -2.72 5.29 -14.79
CA LEU A 168 -1.97 4.07 -15.13
C LEU A 168 -2.71 2.88 -14.55
N LEU A 169 -2.92 1.87 -15.38
CA LEU A 169 -3.54 0.64 -14.91
C LEU A 169 -2.50 -0.21 -14.15
N LEU A 170 -2.85 -0.61 -12.95
CA LEU A 170 -2.02 -1.51 -12.14
C LEU A 170 -2.72 -2.86 -12.06
N GLU A 171 -2.02 -3.91 -12.48
CA GLU A 171 -2.60 -5.24 -12.59
C GLU A 171 -1.93 -6.20 -11.60
N HIS A 172 -2.49 -7.40 -11.53
CA HIS A 172 -2.02 -8.43 -10.62
C HIS A 172 -0.53 -8.66 -10.75
N GLY A 173 0.18 -8.45 -9.64
CA GLY A 173 1.61 -8.71 -9.60
C GLY A 173 2.48 -7.53 -9.90
N ASP A 174 1.91 -6.40 -10.30
CA ASP A 174 2.70 -5.22 -10.61
C ASP A 174 3.30 -4.63 -9.34
N VAL A 175 4.56 -4.25 -9.42
CA VAL A 175 5.28 -3.61 -8.32
C VAL A 175 5.79 -2.26 -8.79
N VAL A 176 5.62 -1.26 -7.94
CA VAL A 176 6.12 0.09 -8.21
C VAL A 176 6.95 0.54 -7.02
N VAL A 177 8.16 1.03 -7.30
CA VAL A 177 9.04 1.61 -6.29
C VAL A 177 9.00 3.13 -6.47
N TRP A 178 8.35 3.81 -5.54
CA TRP A 178 8.19 5.27 -5.61
C TRP A 178 9.40 5.92 -4.94
N GLY A 179 10.36 6.34 -5.76
CA GLY A 179 11.55 7.00 -5.27
C GLY A 179 11.64 8.44 -5.77
N GLY A 180 12.65 9.15 -5.23
CA GLY A 180 12.89 10.51 -5.64
C GLY A 180 11.63 11.35 -5.62
N GLU A 181 11.48 12.19 -6.64
CA GLU A 181 10.38 13.15 -6.68
C GLU A 181 9.03 12.45 -6.58
N SER A 182 8.88 11.30 -7.25
CA SER A 182 7.60 10.60 -7.25
C SER A 182 7.16 10.22 -5.85
N ARG A 183 8.10 10.13 -4.91
CA ARG A 183 7.78 9.79 -3.53
C ARG A 183 6.77 10.77 -2.93
N LEU A 184 6.72 12.00 -3.43
CA LEU A 184 5.90 13.05 -2.83
C LEU A 184 4.69 13.43 -3.70
N PHE A 185 4.46 12.72 -4.80
CA PHE A 185 3.36 13.06 -5.68
C PHE A 185 2.02 12.74 -5.01
N TYR A 186 1.01 13.56 -5.31
CA TYR A 186 -0.36 13.20 -5.01
C TYR A 186 -0.76 12.01 -5.86
N HIS A 187 -1.55 11.11 -5.26
CA HIS A 187 -1.93 9.88 -5.95
C HIS A 187 -3.17 9.31 -5.30
N GLY A 188 -3.81 8.38 -6.02
CA GLY A 188 -5.02 7.76 -5.52
C GLY A 188 -5.44 6.63 -6.43
N ILE A 189 -6.60 6.05 -6.11
CA ILE A 189 -7.14 4.92 -6.85
C ILE A 189 -8.58 5.23 -7.19
N GLN A 190 -8.95 5.06 -8.46
CA GLN A 190 -10.32 5.27 -8.89
C GLN A 190 -11.20 4.10 -8.45
N PRO A 191 -12.53 4.32 -8.40
CA PRO A 191 -13.43 3.24 -7.96
C PRO A 191 -13.16 1.91 -8.65
N LEU A 192 -12.91 0.88 -7.85
CA LEU A 192 -12.56 -0.42 -8.39
C LEU A 192 -13.73 -0.99 -9.20
N LYS A 193 -13.44 -1.51 -10.38
CA LYS A 193 -14.44 -2.17 -11.19
C LYS A 193 -14.64 -3.59 -10.71
N ALA A 194 -15.91 -4.02 -10.65
CA ALA A 194 -16.21 -5.39 -10.28
C ALA A 194 -15.65 -6.35 -11.31
N GLY A 195 -15.29 -7.54 -10.85
CA GLY A 195 -14.74 -8.54 -11.74
C GLY A 195 -14.38 -9.79 -10.97
N PHE A 196 -13.63 -10.67 -11.63
CA PHE A 196 -13.21 -11.93 -11.05
C PHE A 196 -11.71 -12.09 -11.22
N HIS A 197 -11.05 -12.54 -10.16
CA HIS A 197 -9.65 -12.96 -10.23
C HIS A 197 -9.53 -14.33 -9.59
N PRO A 198 -8.83 -15.28 -10.22
CA PRO A 198 -8.80 -16.66 -9.66
C PRO A 198 -8.16 -16.75 -8.29
N LEU A 199 -7.30 -15.81 -7.91
CA LEU A 199 -6.64 -15.88 -6.60
C LEU A 199 -7.35 -15.06 -5.53
N THR A 200 -7.84 -13.87 -5.86
CA THR A 200 -8.50 -13.02 -4.88
C THR A 200 -10.02 -13.03 -5.00
N ILE A 201 -10.57 -13.69 -6.03
CA ILE A 201 -12.00 -13.82 -6.22
C ILE A 201 -12.61 -12.49 -6.69
N ASP A 202 -12.76 -11.53 -5.77
CA ASP A 202 -13.55 -10.35 -6.09
C ASP A 202 -12.99 -9.06 -5.49
N CYS A 203 -11.70 -8.99 -5.17
CA CYS A 203 -11.13 -7.81 -4.57
C CYS A 203 -9.72 -7.58 -5.09
N ARG A 204 -9.16 -6.43 -4.73
CA ARG A 204 -7.77 -6.09 -4.99
C ARG A 204 -7.07 -5.84 -3.66
N TYR A 205 -5.86 -6.36 -3.53
CA TYR A 205 -4.99 -6.05 -2.40
C TYR A 205 -3.83 -5.18 -2.87
N ASN A 206 -3.44 -4.24 -2.02
CA ASN A 206 -2.26 -3.42 -2.26
C ASN A 206 -1.42 -3.40 -0.98
N LEU A 207 -0.13 -3.66 -1.12
CA LEU A 207 0.82 -3.58 -0.02
C LEU A 207 1.75 -2.40 -0.29
N THR A 208 1.91 -1.52 0.71
CA THR A 208 2.85 -0.40 0.62
C THR A 208 3.87 -0.56 1.74
N PHE A 209 5.11 -0.88 1.37
CA PHE A 209 6.19 -1.01 2.34
C PHE A 209 6.81 0.35 2.62
N ARG A 210 6.98 0.65 3.90
CA ARG A 210 7.40 1.97 4.35
C ARG A 210 8.51 1.87 5.38
N GLN A 211 9.40 2.84 5.35
CA GLN A 211 10.40 3.04 6.39
C GLN A 211 9.85 4.16 7.28
N ALA A 212 9.13 3.77 8.31
CA ALA A 212 8.38 4.71 9.14
C ALA A 212 9.06 5.00 10.48
N GLY A 213 10.07 4.23 10.86
CA GLY A 213 10.77 4.47 12.11
C GLY A 213 11.75 5.63 12.00
FE FE B . -0.36 6.47 -0.83
C1 AKG C . -1.72 4.09 0.17
O1 AKG C . -2.29 3.22 0.88
O2 AKG C . -1.02 4.99 0.69
C2 AKG C . -1.89 4.05 -1.36
O5 AKG C . -1.64 5.00 -2.00
C3 AKG C . -2.40 2.77 -2.02
C4 AKG C . -2.29 2.93 -3.54
C5 AKG C . -2.85 1.67 -4.20
O3 AKG C . -3.85 1.10 -3.70
O4 AKG C . -2.30 1.21 -5.24
H31 AKG C . -1.85 2.02 -1.74
H32 AKG C . -3.31 2.60 -1.77
H41 AKG C . -2.82 3.70 -3.82
H42 AKG C . -1.37 3.05 -3.80
#